data_5J3G
#
_entry.id   5J3G
#
loop_
_entity.id
_entity.type
_entity.pdbx_description
1 polymer "DNA (5'-D(*CP*GP*GP*CP*CP*GP*CP*CP*GP*A)-3')"
2 polymer "DNA (5'-D(*TP*CP*GP*GP*CP*GP*GP*CP*CP*G)-3')"
#
loop_
_entity_poly.entity_id
_entity_poly.type
_entity_poly.pdbx_seq_one_letter_code
_entity_poly.pdbx_strand_id
1 'polydeoxyribonucleotide' (DC)(DG)(DG)(DC)(DC)(DG)(DC)(DC)(DG)(DA) A
2 'polydeoxyribonucleotide' (DT)(DC)(DG)(DG)(DC)(DG)(DG)(DC)(DC)(DG) B
#